data_2HOM
#
_entry.id   2HOM
#
_cell.length_a   65.700
_cell.length_b   65.700
_cell.length_c   101.700
_cell.angle_alpha   90.00
_cell.angle_beta   90.00
_cell.angle_gamma   120.00
#
_symmetry.space_group_name_H-M   'P 32 1 2'
#
loop_
_entity.id
_entity.type
_entity.pdbx_description
1 polymer 'thi-box riboswitch'
2 non-polymer 'MAGNESIUM ION'
3 non-polymer 'CALCIUM ION'
4 non-polymer 'THIAMIN PHOSPHATE'
5 water water
#
_entity_poly.entity_id   1
_entity_poly.type   'polyribonucleotide'
_entity_poly.pdbx_seq_one_letter_code
;GCGACUCGGGGUGCCCUUCUGCGUGAAGGCUGAGAAAUACCCGUAUCACCUGAUCUGGAUAAUGCCAGCGUAGGGAAGUC
GCA
;
_entity_poly.pdbx_strand_id   A
#
loop_
_chem_comp.id
_chem_comp.type
_chem_comp.name
_chem_comp.formula
A RNA linking ADENOSINE-5'-MONOPHOSPHATE 'C10 H14 N5 O7 P'
C RNA linking CYTIDINE-5'-MONOPHOSPHATE 'C9 H14 N3 O8 P'
CA non-polymer 'CALCIUM ION' 'Ca 2'
G RNA linking GUANOSINE-5'-MONOPHOSPHATE 'C10 H14 N5 O8 P'
MG non-polymer 'MAGNESIUM ION' 'Mg 2'
TPS non-polymer 'THIAMIN PHOSPHATE' 'C12 H18 N4 O4 P S 1'
U RNA linking URIDINE-5'-MONOPHOSPHATE 'C9 H13 N2 O9 P'
#
# COMPACT_ATOMS: atom_id res chain seq x y z
MG MG B . -4.61 0.42 6.45
MG MG C . -0.86 -3.64 5.68
CA CA D . 8.61 3.83 13.53
MG MG E . 5.76 -6.21 -11.49
CA CA F . 20.50 -8.30 -1.36
MG MG G . 7.34 7.27 14.88
CM2 TPS H . -1.10 3.08 -7.59
N3 TPS H . -0.59 0.57 -1.58
C2 TPS H . -0.12 1.60 -0.84
S1 TPS H . -1.03 1.97 0.52
C5 TPS H . -2.14 0.69 0.16
C4 TPS H . -1.75 0.05 -1.00
CM4 TPS H . -2.45 -1.11 -1.64
C6 TPS H . -3.31 0.37 1.02
C7 TPS H . -2.93 -0.53 2.13
O7 TPS H . -3.97 -0.93 3.03
N1A TPS H . -1.28 2.69 -5.24
C2A TPS H . -0.78 2.24 -6.44
N3A TPS H . -0.10 1.14 -6.56
C4A TPS H . 0.18 0.36 -5.44
N4A TPS H . 0.87 -0.77 -5.59
C5A TPS H . -0.27 0.80 -4.14
C6A TPS H . -1.02 1.97 -4.13
C7A TPS H . 0.10 0.07 -2.87
P1 TPS H . -3.80 -1.75 4.35
O1 TPS H . -3.19 -3.06 4.01
O2 TPS H . -5.19 -1.85 4.87
O3 TPS H . -2.88 -0.97 5.26
#